data_4YRI
#
_entry.id   4YRI
#
_cell.length_a   64.382
_cell.length_b   118.685
_cell.length_c   66.108
_cell.angle_alpha   90.000
_cell.angle_beta   92.680
_cell.angle_gamma   90.000
#
_symmetry.space_group_name_H-M   'I 1 2 1'
#
loop_
_entity.id
_entity.type
_entity.pdbx_description
1 polymer 'Histidyl-tRNA synthetase, putative'
2 non-polymer HISTIDINE
3 non-polymer 1-(3-bromophenyl)methanamine
4 non-polymer GLYCEROL
5 non-polymer 'SULFATE ION'
6 non-polymer 1,2-ETHANEDIOL
7 non-polymer 'DIMETHYL SULFOXIDE'
8 water water
#
_entity_poly.entity_id   1
_entity_poly.type   'polypeptide(L)'
_entity_poly.pdbx_seq_one_letter_code
;MAHHHHHHMGTLEAQTQGPGSMQKNMVETEPVQGCRDFPPEAMRCRRHLFDVFHATAKTFGFEEYDAPVLESEELYIRKA
GEEITEQMFNFITKGGHRVALRPEMTPSLARLLLGKGRSLLLPAKWYSIPQCWRYEAITRGRRREHYQWNMDIVGVKSVS
AEVELVCAACWAMRSLGLSSKDVGIKVNSRKVLQTVVEQAGVTSDKFAPVCVIVDKMEKIPREEVEAQLAVLGLEPTVVD
AITTTLSLKSIDEIAQRVGEEHEAVKELRQFFEQVEAYGYGDWVLFDASVVRGLAYYTGIVFEGFDREGKFRALCGGGRY
DNLLTTYGSPTPIPCAGFGFGDCVIVELLQEKRLLPDIPHVVDDVVIPFDESMRPHALAVLRRLRDAGRSADIILDKKKV
VQAFNYADRVGAVRAVLVAPEEWERGEVQVKMLREGTGKEEGGAERGFAVPLDRLV
;
_entity_poly.pdbx_strand_id   A
#
loop_
_chem_comp.id
_chem_comp.type
_chem_comp.name
_chem_comp.formula
4JH non-polymer 1-(3-bromophenyl)methanamine 'C7 H8 Br N'
DMS non-polymer 'DIMETHYL SULFOXIDE' 'C2 H6 O S'
EDO non-polymer 1,2-ETHANEDIOL 'C2 H6 O2'
GOL non-polymer GLYCEROL 'C3 H8 O3'
SO4 non-polymer 'SULFATE ION' 'O4 S -2'
#
# COMPACT_ATOMS: atom_id res chain seq x y z
N MET A 26 13.01 -32.57 14.03
CA MET A 26 13.35 -31.17 13.70
C MET A 26 12.10 -30.41 13.27
N VAL A 27 11.94 -29.17 13.77
CA VAL A 27 10.76 -28.38 13.46
C VAL A 27 10.74 -27.99 11.99
N GLU A 28 9.54 -27.75 11.46
CA GLU A 28 9.38 -27.26 10.11
C GLU A 28 9.92 -25.83 10.02
N THR A 29 10.91 -25.63 9.16
CA THR A 29 11.52 -24.32 8.95
C THR A 29 10.70 -23.44 8.00
N GLU A 30 9.89 -24.06 7.13
CA GLU A 30 9.05 -23.29 6.22
C GLU A 30 7.93 -22.59 6.99
N PRO A 31 7.56 -21.37 6.58
CA PRO A 31 6.42 -20.71 7.18
C PRO A 31 5.12 -21.45 6.85
N VAL A 32 4.06 -21.13 7.59
CA VAL A 32 2.75 -21.67 7.27
C VAL A 32 2.40 -21.34 5.82
N GLN A 33 1.66 -22.27 5.25
CA GLN A 33 1.17 -22.21 3.89
C GLN A 33 0.63 -20.86 3.48
N GLY A 34 1.18 -20.31 2.40
CA GLY A 34 0.72 -19.03 1.85
C GLY A 34 1.26 -17.77 2.53
N CYS A 35 2.18 -17.94 3.48
CA CYS A 35 2.68 -16.85 4.30
C CYS A 35 4.17 -16.70 4.14
N ARG A 36 4.63 -15.45 4.25
CA ARG A 36 6.01 -15.06 3.96
C ARG A 36 6.79 -14.74 5.24
N ASP A 37 8.04 -15.16 5.24
CA ASP A 37 9.03 -14.77 6.21
C ASP A 37 9.76 -13.54 5.69
N PHE A 38 10.21 -12.70 6.61
CA PHE A 38 10.94 -11.51 6.24
C PHE A 38 12.22 -11.46 7.08
N PRO A 39 13.21 -12.30 6.74
CA PRO A 39 14.52 -12.12 7.36
C PRO A 39 15.10 -10.77 6.91
N PRO A 40 16.19 -10.32 7.55
CA PRO A 40 16.65 -8.94 7.37
C PRO A 40 16.74 -8.48 5.92
N GLU A 41 17.28 -9.32 5.04
CA GLU A 41 17.40 -9.01 3.61
C GLU A 41 16.05 -8.66 2.98
N ALA A 42 15.08 -9.54 3.13
CA ALA A 42 13.75 -9.29 2.62
C ALA A 42 13.08 -8.15 3.37
N MET A 43 13.36 -8.00 4.67
CA MET A 43 12.74 -6.92 5.45
C MET A 43 13.20 -5.53 4.97
N ARG A 44 14.45 -5.44 4.53
CA ARG A 44 14.96 -4.17 3.97
C ARG A 44 14.20 -3.72 2.73
N CYS A 45 13.87 -4.69 1.87
CA CYS A 45 13.08 -4.43 0.67
C CYS A 45 11.68 -3.92 1.04
N ARG A 46 11.03 -4.64 1.95
CA ARG A 46 9.71 -4.23 2.48
C ARG A 46 9.75 -2.83 3.10
N ARG A 47 10.77 -2.57 3.91
CA ARG A 47 10.90 -1.28 4.57
C ARG A 47 11.13 -0.16 3.54
N HIS A 48 11.87 -0.46 2.47
CA HIS A 48 12.06 0.48 1.37
C HIS A 48 10.73 0.92 0.78
N LEU A 49 9.86 -0.05 0.55
CA LEU A 49 8.53 0.19 0.07
C LEU A 49 7.67 0.93 1.10
N PHE A 50 7.60 0.41 2.32
CA PHE A 50 6.76 1.01 3.36
C PHE A 50 7.23 2.44 3.67
N ASP A 51 8.53 2.69 3.64
CA ASP A 51 9.02 4.04 3.87
C ASP A 51 8.40 4.99 2.86
N VAL A 52 8.30 4.54 1.61
CA VAL A 52 7.61 5.32 0.59
C VAL A 52 6.12 5.51 0.89
N PHE A 53 5.40 4.44 1.27
CA PHE A 53 4.00 4.60 1.64
C PHE A 53 3.83 5.66 2.74
N HIS A 54 4.63 5.59 3.80
CA HIS A 54 4.54 6.54 4.91
C HIS A 54 4.98 7.96 4.50
N ALA A 55 6.04 8.05 3.72
CA ALA A 55 6.55 9.36 3.31
C ALA A 55 5.52 10.06 2.43
N THR A 56 4.92 9.30 1.52
CA THR A 56 3.86 9.83 0.64
C THR A 56 2.63 10.26 1.44
N ALA A 57 2.17 9.42 2.36
CA ALA A 57 1.07 9.78 3.25
C ALA A 57 1.32 11.09 4.02
N LYS A 58 2.55 11.25 4.52
CA LYS A 58 2.91 12.47 5.27
C LYS A 58 2.97 13.70 4.36
N THR A 59 3.54 13.53 3.18
CA THR A 59 3.58 14.56 2.16
C THR A 59 2.16 15.03 1.81
N PHE A 60 1.20 14.10 1.81
CA PHE A 60 -0.18 14.41 1.41
C PHE A 60 -1.11 14.74 2.59
N GLY A 61 -0.55 14.81 3.80
CA GLY A 61 -1.32 15.20 4.97
C GLY A 61 -2.26 14.15 5.54
N PHE A 62 -2.00 12.88 5.26
CA PHE A 62 -2.84 11.80 5.78
C PHE A 62 -2.38 11.37 7.17
N GLU A 63 -3.31 10.86 8.00
CA GLU A 63 -3.00 10.46 9.37
C GLU A 63 -3.06 8.97 9.50
N GLU A 64 -2.09 8.39 10.18
CA GLU A 64 -2.02 6.95 10.33
C GLU A 64 -3.08 6.41 11.31
N TYR A 65 -3.61 5.21 11.04
CA TYR A 65 -4.49 4.54 11.98
C TYR A 65 -4.26 3.04 11.87
N ASP A 66 -4.85 2.30 12.79
CA ASP A 66 -4.77 0.84 12.75
C ASP A 66 -5.97 0.26 13.49
N ALA A 67 -6.24 -1.00 13.21
CA ALA A 67 -7.33 -1.72 13.83
C ALA A 67 -6.94 -3.20 13.84
N PRO A 68 -7.70 -4.05 14.56
CA PRO A 68 -7.26 -5.43 14.73
C PRO A 68 -7.37 -6.24 13.45
N VAL A 69 -6.42 -7.13 13.22
CA VAL A 69 -6.44 -8.01 12.05
C VAL A 69 -7.63 -8.97 12.16
N LEU A 70 -8.05 -9.23 13.39
CA LEU A 70 -9.21 -10.06 13.68
C LEU A 70 -10.46 -9.18 13.83
N GLU A 71 -11.44 -9.39 12.96
CA GLU A 71 -12.69 -8.63 12.96
C GLU A 71 -13.87 -9.62 12.94
N SER A 72 -15.05 -9.17 13.31
CA SER A 72 -16.26 -9.98 13.19
C SER A 72 -16.57 -10.26 11.72
N GLU A 73 -16.94 -11.51 11.44
CA GLU A 73 -17.28 -11.95 10.10
C GLU A 73 -18.44 -11.13 9.51
N GLU A 74 -19.33 -10.64 10.38
CA GLU A 74 -20.50 -9.83 9.98
C GLU A 74 -20.12 -8.61 9.15
N LEU A 75 -18.95 -8.06 9.43
CA LEU A 75 -18.46 -6.88 8.77
C LEU A 75 -18.34 -7.06 7.25
N TYR A 76 -18.19 -8.31 6.80
CA TYR A 76 -17.89 -8.62 5.40
C TYR A 76 -19.02 -9.39 4.69
N ILE A 77 -20.19 -9.42 5.29
CA ILE A 77 -21.33 -10.13 4.69
C ILE A 77 -22.05 -9.17 3.75
N ARG A 78 -21.68 -9.17 2.47
CA ARG A 78 -22.23 -8.18 1.52
C ARG A 78 -23.17 -8.74 0.46
N LYS A 79 -23.15 -10.06 0.27
CA LYS A 79 -24.12 -10.76 -0.57
C LYS A 79 -24.12 -10.32 -2.05
N ALA A 80 -22.96 -9.95 -2.58
CA ALA A 80 -22.83 -9.53 -3.97
C ALA A 80 -21.90 -10.45 -4.78
N GLY A 81 -21.45 -11.55 -4.19
CA GLY A 81 -20.62 -12.53 -4.88
C GLY A 81 -19.20 -12.06 -5.16
N GLU A 82 -18.68 -11.20 -4.28
CA GLU A 82 -17.33 -10.67 -4.44
C GLU A 82 -16.29 -11.74 -4.17
N GLU A 83 -15.22 -11.70 -4.96
CA GLU A 83 -14.08 -12.58 -4.77
C GLU A 83 -13.49 -12.42 -3.37
N ILE A 84 -13.47 -11.18 -2.90
CA ILE A 84 -12.86 -10.85 -1.62
C ILE A 84 -13.57 -11.55 -0.45
N THR A 85 -14.90 -11.59 -0.51
CA THR A 85 -15.70 -12.22 0.53
C THR A 85 -15.81 -13.72 0.28
N GLU A 86 -15.77 -14.14 -0.99
CA GLU A 86 -15.65 -15.57 -1.34
C GLU A 86 -14.39 -16.23 -0.73
N GLN A 87 -13.27 -15.50 -0.74
CA GLN A 87 -11.99 -16.10 -0.36
C GLN A 87 -11.58 -15.68 1.04
N MET A 88 -12.53 -15.73 1.97
CA MET A 88 -12.28 -15.17 3.28
C MET A 88 -11.65 -16.19 4.23
N PHE A 89 -10.69 -15.73 5.02
CA PHE A 89 -9.97 -16.58 5.96
C PHE A 89 -10.70 -16.45 7.29
N ASN A 90 -11.74 -17.25 7.47
CA ASN A 90 -12.53 -17.15 8.69
C ASN A 90 -12.46 -18.40 9.55
N PHE A 91 -12.90 -18.26 10.79
CA PHE A 91 -12.99 -19.36 11.72
C PHE A 91 -13.90 -18.96 12.88
N ILE A 92 -14.13 -19.89 13.79
CA ILE A 92 -15.00 -19.67 14.94
C ILE A 92 -14.18 -19.82 16.22
N THR A 93 -14.35 -18.89 17.15
CA THR A 93 -13.66 -18.94 18.45
C THR A 93 -14.20 -20.11 19.27
N LYS A 94 -13.54 -20.44 20.38
CA LYS A 94 -14.09 -21.43 21.33
C LYS A 94 -15.40 -20.92 21.93
N GLY A 95 -15.53 -19.59 22.03
CA GLY A 95 -16.76 -18.95 22.48
C GLY A 95 -17.88 -19.01 21.47
N GLY A 96 -17.58 -19.47 20.25
CA GLY A 96 -18.59 -19.73 19.24
C GLY A 96 -18.96 -18.51 18.40
N HIS A 97 -18.06 -17.52 18.31
CA HIS A 97 -18.27 -16.33 17.49
C HIS A 97 -17.62 -16.44 16.12
N ARG A 98 -18.29 -15.88 15.12
CA ARG A 98 -17.81 -15.93 13.74
C ARG A 98 -16.83 -14.78 13.53
N VAL A 99 -15.54 -15.10 13.38
CA VAL A 99 -14.49 -14.09 13.16
C VAL A 99 -13.71 -14.38 11.88
N ALA A 100 -12.95 -13.38 11.44
CA ALA A 100 -12.14 -13.51 10.25
C ALA A 100 -10.89 -12.67 10.39
N LEU A 101 -9.80 -13.15 9.80
CA LEU A 101 -8.64 -12.28 9.55
C LEU A 101 -9.04 -11.44 8.36
N ARG A 102 -8.89 -10.12 8.50
CA ARG A 102 -9.48 -9.21 7.54
C ARG A 102 -9.00 -9.48 6.11
N PRO A 103 -9.94 -9.59 5.15
CA PRO A 103 -9.56 -9.68 3.74
C PRO A 103 -9.22 -8.32 3.12
N GLU A 104 -9.63 -7.24 3.79
CA GLU A 104 -9.38 -5.87 3.35
C GLU A 104 -9.59 -4.96 4.54
N MET A 105 -9.24 -3.68 4.38
CA MET A 105 -9.29 -2.73 5.50
C MET A 105 -10.53 -1.85 5.54
N THR A 106 -11.14 -1.59 4.38
CA THR A 106 -12.17 -0.57 4.28
C THR A 106 -13.31 -0.78 5.28
N PRO A 107 -13.79 -2.03 5.47
CA PRO A 107 -14.82 -2.20 6.49
C PRO A 107 -14.39 -1.81 7.92
N SER A 108 -13.12 -2.05 8.25
CA SER A 108 -12.57 -1.68 9.56
C SER A 108 -12.54 -0.13 9.71
N LEU A 109 -12.08 0.56 8.67
CA LEU A 109 -12.14 2.01 8.63
C LEU A 109 -13.54 2.54 8.93
N ALA A 110 -14.52 2.00 8.21
CA ALA A 110 -15.91 2.40 8.33
C ALA A 110 -16.44 2.16 9.75
N ARG A 111 -16.08 1.02 10.34
CA ARG A 111 -16.43 0.71 11.71
C ARG A 111 -15.90 1.79 12.64
N LEU A 112 -14.62 2.11 12.46
CA LEU A 112 -13.98 3.18 13.24
C LEU A 112 -14.67 4.54 13.02
N LEU A 113 -14.93 4.90 11.77
CA LEU A 113 -15.60 6.16 11.47
C LEU A 113 -16.99 6.22 12.10
N LEU A 114 -17.77 5.16 11.92
CA LEU A 114 -19.10 5.05 12.49
C LEU A 114 -19.04 5.14 14.02
N GLY A 115 -18.05 4.50 14.63
CA GLY A 115 -17.87 4.59 16.08
C GLY A 115 -17.64 6.01 16.58
N LYS A 116 -16.93 6.82 15.79
CA LYS A 116 -16.69 8.20 16.18
C LYS A 116 -17.90 9.10 15.99
N GLY A 117 -18.66 8.86 14.92
CA GLY A 117 -19.87 9.64 14.64
C GLY A 117 -19.55 11.12 14.57
N ARG A 118 -20.35 11.91 15.28
CA ARG A 118 -20.22 13.37 15.28
C ARG A 118 -18.90 13.93 15.84
N SER A 119 -18.23 13.17 16.68
CA SER A 119 -16.96 13.62 17.26
C SER A 119 -15.81 13.76 16.23
N LEU A 120 -15.97 13.20 15.03
CA LEU A 120 -14.87 13.20 14.04
C LEU A 120 -14.89 14.47 13.19
N LEU A 121 -13.78 15.20 13.17
CA LEU A 121 -13.66 16.40 12.32
C LEU A 121 -13.54 15.93 10.89
N LEU A 122 -14.36 16.52 10.01
CA LEU A 122 -14.30 16.22 8.60
C LEU A 122 -13.88 17.50 7.89
N PRO A 123 -13.17 17.41 6.77
CA PRO A 123 -12.77 16.12 6.18
C PRO A 123 -11.65 15.42 6.95
N ALA A 124 -11.54 14.10 6.78
CA ALA A 124 -10.48 13.32 7.41
C ALA A 124 -9.73 12.52 6.36
N LYS A 125 -8.41 12.47 6.52
CA LYS A 125 -7.54 11.76 5.60
C LYS A 125 -6.73 10.76 6.43
N TRP A 126 -7.07 9.49 6.26
CA TRP A 126 -6.53 8.42 7.09
C TRP A 126 -5.89 7.35 6.23
N TYR A 127 -4.74 6.85 6.70
CA TYR A 127 -4.04 5.80 6.00
C TYR A 127 -3.56 4.71 6.95
N SER A 128 -3.29 3.55 6.37
CA SER A 128 -2.76 2.42 7.12
CA SER A 128 -2.76 2.43 7.12
C SER A 128 -2.04 1.48 6.16
N ILE A 129 -1.24 0.57 6.69
CA ILE A 129 -0.57 -0.43 5.88
C ILE A 129 -0.79 -1.81 6.49
N PRO A 130 -2.05 -2.26 6.51
CA PRO A 130 -2.40 -3.56 7.11
C PRO A 130 -2.02 -4.79 6.29
N GLN A 131 -1.68 -5.86 7.00
CA GLN A 131 -1.59 -7.15 6.41
C GLN A 131 -3.04 -7.64 6.30
N CYS A 132 -3.44 -8.04 5.10
CA CYS A 132 -4.77 -8.62 4.88
C CYS A 132 -4.61 -10.05 4.37
N TRP A 133 -5.68 -10.81 4.47
CA TRP A 133 -5.64 -12.26 4.40
C TRP A 133 -6.68 -12.83 3.45
N ARG A 134 -6.36 -13.96 2.87
CA ARG A 134 -7.34 -14.75 2.12
C ARG A 134 -7.05 -16.25 2.28
N TYR A 135 -8.04 -17.06 1.90
CA TYR A 135 -7.92 -18.50 1.87
C TYR A 135 -8.43 -18.99 0.52
N GLU A 136 -7.72 -19.91 -0.12
CA GLU A 136 -8.19 -20.54 -1.37
C GLU A 136 -7.93 -22.06 -1.37
N ARG A 142 -0.63 -20.83 -3.56
CA ARG A 142 -0.92 -19.41 -3.75
C ARG A 142 -0.74 -18.60 -2.45
N ARG A 143 -0.48 -17.30 -2.57
CA ARG A 143 -0.32 -16.44 -1.40
C ARG A 143 -1.63 -16.26 -0.65
N ARG A 144 -1.55 -16.32 0.69
CA ARG A 144 -2.70 -16.08 1.56
C ARG A 144 -2.64 -14.76 2.35
N GLU A 145 -1.50 -14.08 2.30
CA GLU A 145 -1.43 -12.76 2.90
C GLU A 145 -0.69 -11.76 2.01
N HIS A 146 -1.03 -10.49 2.20
CA HIS A 146 -0.27 -9.38 1.63
C HIS A 146 -0.43 -8.18 2.52
N TYR A 147 0.47 -7.23 2.37
CA TYR A 147 0.30 -5.95 2.98
C TYR A 147 -0.30 -5.04 1.92
N GLN A 148 -1.10 -4.08 2.38
CA GLN A 148 -1.84 -3.24 1.48
C GLN A 148 -1.94 -1.86 2.07
N TRP A 149 -1.27 -0.93 1.42
CA TRP A 149 -1.34 0.46 1.78
C TRP A 149 -2.75 0.90 1.50
N ASN A 150 -3.39 1.49 2.50
CA ASN A 150 -4.73 2.04 2.35
C ASN A 150 -4.71 3.53 2.57
N MET A 151 -5.39 4.25 1.69
CA MET A 151 -5.52 5.69 1.77
C MET A 151 -6.98 6.02 1.53
N ASP A 152 -7.61 6.73 2.46
CA ASP A 152 -8.99 7.14 2.32
C ASP A 152 -9.23 8.59 2.77
N ILE A 153 -10.13 9.24 2.05
CA ILE A 153 -10.58 10.57 2.33
C ILE A 153 -12.07 10.53 2.62
N VAL A 154 -12.44 11.06 3.79
CA VAL A 154 -13.78 10.99 4.32
C VAL A 154 -14.36 12.39 4.43
N GLY A 155 -15.57 12.57 3.93
CA GLY A 155 -16.32 13.82 4.13
C GLY A 155 -16.15 14.83 3.02
N VAL A 156 -15.59 14.38 1.88
CA VAL A 156 -15.41 15.24 0.73
C VAL A 156 -16.27 14.73 -0.42
N LYS A 157 -17.26 15.54 -0.79
CA LYS A 157 -18.21 15.19 -1.84
C LYS A 157 -17.61 15.29 -3.25
N SER A 158 -16.71 16.25 -3.45
CA SER A 158 -16.21 16.56 -4.80
C SER A 158 -15.04 15.65 -5.23
N VAL A 159 -14.84 15.60 -6.55
CA VAL A 159 -13.82 14.77 -7.17
C VAL A 159 -12.39 15.14 -6.80
N SER A 160 -12.20 16.29 -6.15
CA SER A 160 -10.90 16.65 -5.56
C SER A 160 -10.33 15.52 -4.66
N ALA A 161 -11.21 14.77 -4.01
CA ALA A 161 -10.80 13.62 -3.22
C ALA A 161 -10.12 12.59 -4.10
N GLU A 162 -10.81 12.11 -5.13
CA GLU A 162 -10.25 11.14 -6.08
C GLU A 162 -8.98 11.68 -6.75
N VAL A 163 -8.95 12.99 -7.02
CA VAL A 163 -7.77 13.58 -7.61
C VAL A 163 -6.57 13.40 -6.69
N GLU A 164 -6.75 13.75 -5.42
CA GLU A 164 -5.67 13.62 -4.46
C GLU A 164 -5.22 12.16 -4.29
N LEU A 165 -6.19 11.25 -4.15
CA LEU A 165 -5.91 9.83 -4.03
C LEU A 165 -5.07 9.30 -5.17
N VAL A 166 -5.47 9.60 -6.41
CA VAL A 166 -4.73 9.17 -7.60
C VAL A 166 -3.34 9.81 -7.66
N CYS A 167 -3.24 11.10 -7.34
CA CYS A 167 -1.94 11.75 -7.30
C CYS A 167 -1.03 11.12 -6.26
N ALA A 168 -1.59 10.73 -5.11
CA ALA A 168 -0.83 10.05 -4.06
C ALA A 168 -0.27 8.72 -4.52
N ALA A 169 -1.07 7.94 -5.24
CA ALA A 169 -0.59 6.67 -5.76
C ALA A 169 0.54 6.88 -6.78
N CYS A 170 0.36 7.84 -7.68
CA CYS A 170 1.38 8.20 -8.64
C CYS A 170 2.68 8.64 -7.97
N TRP A 171 2.54 9.49 -6.95
CA TRP A 171 3.66 10.01 -6.16
C TRP A 171 4.44 8.88 -5.53
N ALA A 172 3.73 7.90 -4.97
CA ALA A 172 4.41 6.77 -4.37
C ALA A 172 5.22 6.03 -5.44
N MET A 173 4.62 5.83 -6.62
CA MET A 173 5.28 5.08 -7.66
C MET A 173 6.48 5.86 -8.21
N ARG A 174 6.33 7.17 -8.36
CA ARG A 174 7.43 8.03 -8.81
C ARG A 174 8.57 8.02 -7.78
N SER A 175 8.22 8.06 -6.49
CA SER A 175 9.22 8.00 -5.42
C SER A 175 10.02 6.69 -5.46
N LEU A 176 9.39 5.60 -5.89
CA LEU A 176 10.06 4.31 -6.09
C LEU A 176 10.93 4.23 -7.36
N GLY A 177 10.99 5.31 -8.15
CA GLY A 177 11.80 5.36 -9.37
C GLY A 177 11.06 5.11 -10.68
N LEU A 178 9.75 4.89 -10.62
CA LEU A 178 8.98 4.64 -11.84
C LEU A 178 8.56 5.96 -12.46
N SER A 179 8.32 5.93 -13.76
CA SER A 179 7.88 7.11 -14.48
C SER A 179 6.55 6.83 -15.15
N SER A 180 6.01 7.87 -15.78
CA SER A 180 4.74 7.79 -16.48
C SER A 180 4.88 6.95 -17.75
N LYS A 181 6.10 6.68 -18.15
CA LYS A 181 6.35 5.71 -19.22
C LYS A 181 6.24 4.25 -18.75
N ASP A 182 6.38 4.02 -17.45
CA ASP A 182 6.31 2.67 -16.88
C ASP A 182 4.91 2.27 -16.47
N VAL A 183 4.15 3.23 -15.94
CA VAL A 183 2.88 2.97 -15.30
C VAL A 183 1.87 4.04 -15.65
N GLY A 184 0.60 3.70 -15.54
CA GLY A 184 -0.46 4.66 -15.57
C GLY A 184 -1.56 4.32 -14.59
N ILE A 185 -2.56 5.20 -14.53
CA ILE A 185 -3.78 4.97 -13.77
C ILE A 185 -4.98 5.16 -14.69
N LYS A 186 -5.71 4.07 -14.90
CA LYS A 186 -6.90 4.08 -15.70
C LYS A 186 -8.06 4.52 -14.81
N VAL A 187 -8.92 5.40 -15.32
CA VAL A 187 -9.99 5.99 -14.52
C VAL A 187 -11.34 5.89 -15.24
N ASN A 188 -12.39 5.58 -14.48
CA ASN A 188 -13.75 5.49 -14.99
C ASN A 188 -14.72 5.94 -13.90
N SER A 189 -16.02 6.04 -14.23
CA SER A 189 -17.06 6.25 -13.24
C SER A 189 -18.16 5.20 -13.41
N ARG A 190 -18.53 4.54 -12.31
CA ARG A 190 -19.64 3.59 -12.31
C ARG A 190 -20.99 4.24 -12.58
N LYS A 191 -21.06 5.57 -12.49
CA LYS A 191 -22.30 6.28 -12.75
C LYS A 191 -22.79 6.12 -14.19
N VAL A 192 -21.86 6.03 -15.14
CA VAL A 192 -22.22 5.78 -16.53
C VAL A 192 -23.04 4.49 -16.64
N LEU A 193 -22.45 3.39 -16.20
CA LEU A 193 -23.10 2.09 -16.23
C LEU A 193 -24.37 2.04 -15.39
N GLN A 194 -24.37 2.74 -14.25
CA GLN A 194 -25.53 2.83 -13.36
C GLN A 194 -26.77 3.23 -14.15
N THR A 195 -26.66 4.31 -14.92
CA THR A 195 -27.71 4.76 -15.82
C THR A 195 -28.26 3.60 -16.66
N VAL A 196 -27.35 2.92 -17.35
CA VAL A 196 -27.73 1.87 -18.29
C VAL A 196 -28.44 0.71 -17.59
N VAL A 197 -27.95 0.33 -16.41
CA VAL A 197 -28.59 -0.74 -15.62
C VAL A 197 -30.00 -0.33 -15.18
N GLU A 198 -30.11 0.88 -14.62
CA GLU A 198 -31.40 1.46 -14.23
C GLU A 198 -32.38 1.52 -15.40
N GLN A 199 -31.91 2.05 -16.53
CA GLN A 199 -32.75 2.25 -17.71
C GLN A 199 -33.25 0.96 -18.35
N ALA A 200 -32.64 -0.18 -18.02
CA ALA A 200 -33.14 -1.49 -18.47
C ALA A 200 -34.19 -2.09 -17.53
N GLY A 201 -34.58 -1.35 -16.48
CA GLY A 201 -35.63 -1.78 -15.56
C GLY A 201 -35.11 -2.69 -14.47
N THR A 203 -33.26 -3.62 -11.74
CA THR A 203 -33.46 -3.43 -10.30
C THR A 203 -32.14 -3.17 -9.57
N SER A 204 -32.03 -2.00 -8.95
CA SER A 204 -30.76 -1.48 -8.42
C SER A 204 -29.97 -2.44 -7.52
N ASP A 205 -30.67 -3.29 -6.78
CA ASP A 205 -30.03 -4.33 -5.96
C ASP A 205 -29.18 -5.34 -6.75
N LYS A 206 -29.31 -5.33 -8.08
CA LYS A 206 -28.48 -6.17 -8.96
C LYS A 206 -27.29 -5.40 -9.54
N PHE A 207 -27.18 -4.10 -9.24
CA PHE A 207 -26.11 -3.28 -9.81
C PHE A 207 -24.72 -3.69 -9.29
N ALA A 208 -24.58 -3.83 -7.98
CA ALA A 208 -23.32 -4.29 -7.39
C ALA A 208 -22.92 -5.68 -7.92
N PRO A 209 -23.86 -6.65 -7.90
CA PRO A 209 -23.61 -7.96 -8.55
C PRO A 209 -23.17 -7.83 -10.02
N VAL A 210 -23.80 -6.91 -10.75
CA VAL A 210 -23.44 -6.63 -12.14
C VAL A 210 -21.99 -6.14 -12.25
N CYS A 211 -21.60 -5.15 -11.45
CA CYS A 211 -20.21 -4.67 -11.42
C CYS A 211 -19.22 -5.80 -11.12
N VAL A 212 -19.53 -6.58 -10.10
CA VAL A 212 -18.72 -7.74 -9.72
C VAL A 212 -18.48 -8.68 -10.90
N ILE A 213 -19.54 -8.96 -11.67
CA ILE A 213 -19.44 -9.84 -12.83
C ILE A 213 -18.59 -9.21 -13.94
N VAL A 214 -18.98 -8.00 -14.34
CA VAL A 214 -18.34 -7.26 -15.42
C VAL A 214 -16.85 -7.00 -15.15
N ASP A 215 -16.49 -6.92 -13.86
CA ASP A 215 -15.08 -6.85 -13.44
C ASP A 215 -14.23 -7.98 -14.03
N LYS A 216 -14.82 -9.14 -14.24
CA LYS A 216 -14.08 -10.31 -14.73
C LYS A 216 -13.79 -10.34 -16.25
N MET A 217 -14.06 -9.24 -16.97
CA MET A 217 -14.16 -9.27 -18.45
C MET A 217 -12.89 -9.65 -19.21
N GLU A 218 -11.73 -9.25 -18.69
CA GLU A 218 -10.45 -9.51 -19.35
C GLU A 218 -9.80 -10.80 -18.83
N PRO A 221 -13.40 -13.48 -20.34
CA PRO A 221 -13.97 -14.48 -21.25
C PRO A 221 -15.43 -14.18 -21.55
N ARG A 222 -15.68 -13.56 -22.71
CA ARG A 222 -16.99 -13.00 -23.06
C ARG A 222 -18.15 -13.97 -22.87
N GLU A 223 -17.93 -15.24 -23.23
CA GLU A 223 -18.92 -16.29 -23.02
C GLU A 223 -19.25 -16.42 -21.53
N GLU A 224 -18.22 -16.45 -20.70
CA GLU A 224 -18.38 -16.55 -19.24
C GLU A 224 -19.14 -15.38 -18.65
N VAL A 225 -18.74 -14.15 -19.01
CA VAL A 225 -19.33 -12.93 -18.43
C VAL A 225 -20.77 -12.72 -18.88
N GLU A 226 -21.04 -12.94 -20.16
CA GLU A 226 -22.41 -12.91 -20.70
C GLU A 226 -23.32 -13.87 -19.94
N ALA A 227 -22.83 -15.10 -19.78
CA ALA A 227 -23.58 -16.16 -19.09
C ALA A 227 -23.85 -15.83 -17.62
N GLN A 228 -22.88 -15.20 -16.96
CA GLN A 228 -23.04 -14.79 -15.55
C GLN A 228 -24.19 -13.78 -15.39
N LEU A 229 -24.24 -12.80 -16.30
CA LEU A 229 -25.31 -11.80 -16.31
C LEU A 229 -26.68 -12.42 -16.56
N ALA A 230 -26.72 -13.43 -17.42
CA ALA A 230 -27.95 -14.17 -17.72
C ALA A 230 -28.49 -14.89 -16.49
N VAL A 231 -27.59 -15.48 -15.70
CA VAL A 231 -27.96 -16.11 -14.44
C VAL A 231 -28.59 -15.10 -13.46
N LEU A 232 -28.02 -13.90 -13.42
CA LEU A 232 -28.53 -12.81 -12.58
C LEU A 232 -29.90 -12.27 -12.98
N GLY A 233 -30.43 -12.70 -14.14
CA GLY A 233 -31.78 -12.34 -14.58
C GLY A 233 -31.78 -11.48 -15.84
N THR A 237 -30.55 -8.36 -23.95
CA THR A 237 -30.68 -6.97 -24.38
C THR A 237 -29.76 -6.05 -23.56
N VAL A 238 -30.04 -5.96 -22.26
CA VAL A 238 -29.30 -5.05 -21.37
C VAL A 238 -27.83 -5.45 -21.24
N VAL A 239 -27.53 -6.72 -21.49
CA VAL A 239 -26.17 -7.20 -21.55
C VAL A 239 -25.41 -6.53 -22.72
N ASP A 240 -26.10 -6.34 -23.84
CA ASP A 240 -25.52 -5.70 -25.03
C ASP A 240 -25.17 -4.22 -24.77
N ALA A 241 -26.05 -3.52 -24.07
CA ALA A 241 -25.82 -2.12 -23.74
C ALA A 241 -24.69 -1.97 -22.72
N ILE A 242 -24.62 -2.90 -21.77
CA ILE A 242 -23.50 -2.94 -20.82
C ILE A 242 -22.18 -3.10 -21.55
N THR A 243 -22.09 -4.10 -22.42
CA THR A 243 -20.86 -4.37 -23.17
C THR A 243 -20.43 -3.20 -24.07
N THR A 244 -21.39 -2.57 -24.71
CA THR A 244 -21.12 -1.43 -25.59
C THR A 244 -20.48 -0.26 -24.84
N THR A 245 -21.07 0.12 -23.71
CA THR A 245 -20.56 1.27 -22.94
C THR A 245 -19.17 0.99 -22.39
N LEU A 246 -18.94 -0.24 -21.92
CA LEU A 246 -17.60 -0.68 -21.48
C LEU A 246 -16.53 -0.46 -22.54
N SER A 247 -16.90 -0.59 -23.81
CA SER A 247 -15.95 -0.47 -24.91
C SER A 247 -15.85 0.94 -25.52
N LEU A 248 -16.63 1.89 -25.01
CA LEU A 248 -16.51 3.30 -25.42
C LEU A 248 -15.09 3.80 -25.12
N LYS A 249 -14.39 4.30 -26.13
CA LYS A 249 -12.95 4.59 -26.00
C LYS A 249 -12.59 5.97 -25.44
N SER A 250 -13.58 6.86 -25.27
CA SER A 250 -13.28 8.22 -24.81
C SER A 250 -14.42 8.83 -24.01
N ILE A 251 -14.14 9.97 -23.39
CA ILE A 251 -15.14 10.70 -22.61
C ILE A 251 -16.12 11.39 -23.56
N ASP A 252 -15.61 11.90 -24.67
CA ASP A 252 -16.47 12.46 -25.72
C ASP A 252 -17.52 11.45 -26.20
N GLU A 253 -17.11 10.20 -26.40
CA GLU A 253 -18.05 9.14 -26.78
C GLU A 253 -19.07 8.83 -25.67
N ILE A 254 -18.62 8.87 -24.42
CA ILE A 254 -19.51 8.71 -23.28
C ILE A 254 -20.52 9.85 -23.26
N ALA A 255 -20.04 11.08 -23.44
CA ALA A 255 -20.90 12.27 -23.50
C ALA A 255 -21.92 12.17 -24.64
N GLN A 256 -21.53 11.59 -25.77
CA GLN A 256 -22.48 11.37 -26.87
C GLN A 256 -23.62 10.45 -26.47
N ARG A 257 -23.33 9.47 -25.61
CA ARG A 257 -24.35 8.51 -25.17
C ARG A 257 -25.08 8.92 -23.88
N VAL A 258 -24.49 9.82 -23.09
CA VAL A 258 -25.15 10.35 -21.88
C VAL A 258 -25.23 11.89 -21.78
N GLY A 259 -24.87 12.61 -22.83
CA GLY A 259 -24.87 14.08 -22.79
C GLY A 259 -23.63 14.64 -22.12
N GLU A 260 -23.20 15.83 -22.56
CA GLU A 260 -21.97 16.46 -22.05
C GLU A 260 -22.10 16.91 -20.60
N GLU A 261 -23.32 16.93 -20.08
CA GLU A 261 -23.58 17.19 -18.67
C GLU A 261 -24.39 16.04 -18.05
N HIS A 262 -23.83 14.84 -18.12
CA HIS A 262 -24.26 13.74 -17.24
C HIS A 262 -23.36 13.87 -16.03
N GLU A 263 -23.77 13.27 -14.91
CA GLU A 263 -23.02 13.41 -13.66
C GLU A 263 -21.57 13.02 -13.89
N ALA A 264 -21.39 11.80 -14.40
CA ALA A 264 -20.07 11.24 -14.69
C ALA A 264 -19.17 12.11 -15.56
N VAL A 265 -19.74 12.78 -16.56
CA VAL A 265 -18.96 13.51 -17.54
C VAL A 265 -18.29 14.73 -16.91
N LYS A 266 -19.09 15.58 -16.27
CA LYS A 266 -18.55 16.76 -15.59
C LYS A 266 -17.51 16.38 -14.52
N GLU A 267 -17.76 15.29 -13.80
CA GLU A 267 -16.85 14.86 -12.73
C GLU A 267 -15.52 14.33 -13.29
N LEU A 268 -15.59 13.54 -14.36
CA LEU A 268 -14.37 13.03 -15.02
C LEU A 268 -13.55 14.16 -15.64
N ARG A 269 -14.22 15.10 -16.29
CA ARG A 269 -13.56 16.27 -16.87
C ARG A 269 -12.83 17.08 -15.81
N GLN A 270 -13.54 17.38 -14.73
CA GLN A 270 -12.95 18.06 -13.57
C GLN A 270 -11.78 17.28 -12.99
N PHE A 271 -11.96 15.97 -12.85
CA PHE A 271 -10.89 15.08 -12.38
C PHE A 271 -9.62 15.24 -13.22
N PHE A 272 -9.76 15.16 -14.54
CA PHE A 272 -8.60 15.24 -15.43
C PHE A 272 -7.98 16.64 -15.45
N GLU A 273 -8.80 17.69 -15.45
CA GLU A 273 -8.29 19.04 -15.34
C GLU A 273 -7.42 19.21 -14.09
N GLN A 274 -7.91 18.71 -12.95
CA GLN A 274 -7.18 18.84 -11.69
C GLN A 274 -5.88 18.04 -11.67
N VAL A 275 -5.89 16.81 -12.18
CA VAL A 275 -4.64 16.02 -12.22
C VAL A 275 -3.63 16.71 -13.13
N GLU A 276 -4.10 17.26 -14.25
CA GLU A 276 -3.26 17.99 -15.19
C GLU A 276 -2.59 19.18 -14.51
N ALA A 277 -3.38 20.00 -13.83
CA ALA A 277 -2.91 21.16 -13.06
C ALA A 277 -1.86 20.81 -11.98
N TYR A 278 -1.99 19.62 -11.38
CA TYR A 278 -1.04 19.14 -10.38
C TYR A 278 0.28 18.67 -11.03
N GLY A 279 0.21 18.41 -12.33
CA GLY A 279 1.39 18.02 -13.11
C GLY A 279 1.53 16.52 -13.35
N TYR A 280 0.45 15.77 -13.16
CA TYR A 280 0.46 14.31 -13.32
C TYR A 280 -0.42 13.82 -14.48
N GLY A 281 -0.69 14.69 -15.45
CA GLY A 281 -1.51 14.37 -16.61
C GLY A 281 -1.03 13.19 -17.44
N ASP A 282 0.28 13.02 -17.57
CA ASP A 282 0.83 11.87 -18.31
C ASP A 282 0.60 10.53 -17.60
N TRP A 283 0.27 10.56 -16.32
CA TRP A 283 0.02 9.32 -15.54
C TRP A 283 -1.39 8.77 -15.62
N VAL A 284 -2.35 9.57 -16.07
CA VAL A 284 -3.75 9.18 -15.96
C VAL A 284 -4.44 9.12 -17.32
N LEU A 285 -5.49 8.30 -17.40
CA LEU A 285 -6.25 8.18 -18.62
C LEU A 285 -7.59 7.54 -18.37
N PHE A 286 -8.51 7.76 -19.30
CA PHE A 286 -9.86 7.23 -19.21
C PHE A 286 -9.92 5.82 -19.76
N ASP A 287 -10.62 4.94 -19.06
CA ASP A 287 -10.89 3.60 -19.57
C ASP A 287 -12.26 3.14 -19.10
N ALA A 288 -13.20 3.06 -20.03
CA ALA A 288 -14.59 2.73 -19.74
C ALA A 288 -14.81 1.31 -19.24
N SER A 289 -13.77 0.46 -19.32
CA SER A 289 -13.87 -0.93 -18.91
C SER A 289 -13.57 -1.15 -17.41
N VAL A 290 -13.04 -0.13 -16.73
CA VAL A 290 -12.66 -0.26 -15.32
C VAL A 290 -13.89 -0.10 -14.40
N VAL A 291 -14.26 -1.17 -13.70
CA VAL A 291 -15.30 -1.08 -12.66
C VAL A 291 -14.83 -1.45 -11.24
N ARG A 292 -13.76 -2.24 -11.15
CA ARG A 292 -13.31 -2.86 -9.88
C ARG A 292 -14.28 -3.95 -9.42
N GLY A 293 -13.80 -4.82 -8.52
CA GLY A 293 -14.57 -6.00 -8.09
C GLY A 293 -15.41 -5.82 -6.83
N LEU A 294 -15.30 -4.66 -6.19
CA LEU A 294 -15.90 -4.42 -4.89
C LEU A 294 -17.30 -3.83 -5.04
N ALA A 295 -18.21 -4.29 -4.18
CA ALA A 295 -19.63 -3.95 -4.26
C ALA A 295 -19.88 -2.47 -4.08
N TYR A 296 -19.12 -1.86 -3.17
CA TYR A 296 -19.49 -0.59 -2.57
C TYR A 296 -19.11 0.67 -3.35
N TYR A 297 -18.39 0.56 -4.45
CA TYR A 297 -18.03 1.75 -5.24
C TYR A 297 -19.27 2.32 -5.93
N THR A 298 -19.45 3.63 -5.81
CA THR A 298 -20.60 4.36 -6.38
C THR A 298 -20.23 5.35 -7.50
N GLY A 299 -19.01 5.85 -7.51
CA GLY A 299 -18.64 6.93 -8.43
C GLY A 299 -17.41 6.61 -9.25
N ILE A 300 -16.46 7.51 -9.25
CA ILE A 300 -15.17 7.29 -9.89
C ILE A 300 -14.49 6.04 -9.32
N VAL A 301 -13.89 5.27 -10.22
CA VAL A 301 -13.07 4.13 -9.87
C VAL A 301 -11.81 4.18 -10.68
N PHE A 302 -10.74 3.61 -10.15
CA PHE A 302 -9.46 3.63 -10.81
C PHE A 302 -8.57 2.46 -10.44
N GLU A 303 -7.64 2.14 -11.34
CA GLU A 303 -6.60 1.18 -11.06
C GLU A 303 -5.30 1.50 -11.80
N GLY A 304 -4.21 1.22 -11.12
CA GLY A 304 -2.88 1.37 -11.68
C GLY A 304 -2.45 0.13 -12.43
N PHE A 305 -1.67 0.35 -13.47
CA PHE A 305 -1.20 -0.71 -14.32
C PHE A 305 0.16 -0.38 -14.89
N ASP A 306 0.90 -1.43 -15.24
CA ASP A 306 2.15 -1.27 -15.97
C ASP A 306 1.84 -1.18 -17.46
N ARG A 307 2.51 -0.24 -18.12
CA ARG A 307 2.29 0.04 -19.56
C ARG A 307 2.87 -1.01 -20.51
N GLU A 308 3.47 -2.08 -19.99
CA GLU A 308 3.86 -3.23 -20.81
C GLU A 308 2.83 -4.36 -20.80
N GLY A 309 1.82 -4.28 -19.94
CA GLY A 309 0.78 -5.29 -19.86
C GLY A 309 1.24 -6.64 -19.31
N LYS A 310 2.22 -6.60 -18.42
CA LYS A 310 2.81 -7.82 -17.88
C LYS A 310 2.27 -8.22 -16.51
N PHE A 311 1.75 -7.27 -15.75
CA PHE A 311 1.35 -7.58 -14.38
C PHE A 311 -0.10 -7.25 -14.09
N ARG A 312 -0.63 -7.80 -13.02
CA ARG A 312 -1.96 -7.44 -12.51
C ARG A 312 -1.97 -5.99 -12.02
N ALA A 313 -3.13 -5.49 -11.60
CA ALA A 313 -3.25 -4.11 -11.15
C ALA A 313 -2.30 -3.82 -9.99
N LEU A 314 -1.64 -2.67 -10.06
CA LEU A 314 -0.72 -2.21 -9.03
C LEU A 314 -1.46 -1.70 -7.80
N CYS A 315 -2.62 -1.11 -8.05
CA CYS A 315 -3.45 -0.53 -7.02
C CYS A 315 -4.82 -0.31 -7.60
N GLY A 316 -5.77 -0.03 -6.71
CA GLY A 316 -7.14 0.16 -7.13
C GLY A 316 -8.03 0.77 -6.06
N GLY A 317 -9.06 1.45 -6.52
CA GLY A 317 -9.96 2.11 -5.59
C GLY A 317 -11.04 2.92 -6.27
N GLY A 318 -11.61 3.84 -5.49
CA GLY A 318 -12.73 4.64 -5.94
C GLY A 318 -13.55 5.21 -4.82
N ARG A 319 -14.71 5.76 -5.20
CA ARG A 319 -15.62 6.42 -4.29
C ARG A 319 -16.70 5.46 -3.84
N TYR A 320 -17.05 5.53 -2.57
CA TYR A 320 -18.04 4.65 -1.97
C TYR A 320 -18.91 5.46 -0.97
N ASP A 321 -19.83 6.25 -1.54
CA ASP A 321 -20.60 7.24 -0.77
C ASP A 321 -21.74 6.66 0.06
N ASN A 322 -22.01 5.37 -0.11
CA ASN A 322 -23.13 4.70 0.53
C ASN A 322 -22.76 3.69 1.62
N LEU A 323 -21.48 3.30 1.70
CA LEU A 323 -21.07 2.27 2.64
C LEU A 323 -21.47 2.62 4.06
N LEU A 324 -21.17 3.85 4.49
CA LEU A 324 -21.45 4.19 5.87
C LEU A 324 -22.95 4.19 6.15
N THR A 325 -23.76 4.53 5.14
CA THR A 325 -25.21 4.40 5.25
C THR A 325 -25.65 2.93 5.43
N THR A 326 -25.04 2.00 4.69
CA THR A 326 -25.40 0.59 4.82
C THR A 326 -25.01 0.02 6.19
N TYR A 327 -23.97 0.57 6.80
CA TYR A 327 -23.55 0.18 8.16
C TYR A 327 -24.45 0.78 9.27
N GLY A 328 -25.35 1.69 8.91
CA GLY A 328 -26.30 2.31 9.85
C GLY A 328 -26.05 3.77 10.21
N SER A 329 -25.15 4.47 9.50
CA SER A 329 -24.96 5.89 9.78
C SER A 329 -26.28 6.63 9.51
N PRO A 330 -26.71 7.51 10.43
CA PRO A 330 -27.94 8.27 10.19
C PRO A 330 -27.82 9.34 9.11
N THR A 331 -26.59 9.74 8.78
CA THR A 331 -26.31 10.74 7.75
C THR A 331 -25.32 10.14 6.74
N PRO A 332 -25.59 10.28 5.43
CA PRO A 332 -24.65 9.75 4.45
C PRO A 332 -23.27 10.38 4.61
N ILE A 333 -22.22 9.57 4.55
CA ILE A 333 -20.85 10.07 4.69
C ILE A 333 -20.13 9.78 3.37
N PRO A 334 -19.78 10.84 2.61
CA PRO A 334 -18.98 10.61 1.41
C PRO A 334 -17.61 10.04 1.75
N CYS A 335 -17.17 9.06 0.95
CA CYS A 335 -15.85 8.45 1.12
C CYS A 335 -15.22 8.09 -0.20
N ALA A 336 -13.90 8.11 -0.23
CA ALA A 336 -13.12 7.61 -1.35
C ALA A 336 -11.75 7.15 -0.88
N GLY A 337 -11.18 6.18 -1.57
CA GLY A 337 -9.88 5.65 -1.20
C GLY A 337 -9.35 4.63 -2.18
N PHE A 338 -8.18 4.07 -1.85
CA PHE A 338 -7.62 2.97 -2.60
C PHE A 338 -6.78 2.07 -1.72
N GLY A 339 -6.57 0.86 -2.23
CA GLY A 339 -5.61 -0.09 -1.72
C GLY A 339 -4.48 -0.25 -2.73
N PHE A 340 -3.27 -0.47 -2.22
CA PHE A 340 -2.03 -0.56 -3.01
C PHE A 340 -1.21 -1.69 -2.38
N GLY A 341 -1.20 -2.84 -3.04
CA GLY A 341 -0.58 -4.05 -2.50
C GLY A 341 0.94 -4.05 -2.52
N ASP A 342 1.54 -4.99 -1.80
CA ASP A 342 3.00 -5.03 -1.68
C ASP A 342 3.69 -6.06 -2.59
N CYS A 343 2.93 -6.72 -3.47
CA CYS A 343 3.43 -7.84 -4.29
CA CYS A 343 3.48 -7.82 -4.24
C CYS A 343 3.70 -7.40 -5.71
N VAL A 344 2.67 -6.91 -6.40
CA VAL A 344 2.79 -6.54 -7.82
C VAL A 344 3.82 -5.44 -8.04
N ILE A 345 3.76 -4.41 -7.18
CA ILE A 345 4.73 -3.31 -7.26
C ILE A 345 6.18 -3.81 -7.16
N VAL A 346 6.42 -4.80 -6.32
CA VAL A 346 7.76 -5.36 -6.15
C VAL A 346 8.18 -6.12 -7.41
N GLU A 347 7.29 -6.92 -7.99
CA GLU A 347 7.53 -7.59 -9.27
C GLU A 347 7.94 -6.58 -10.35
N LEU A 348 7.18 -5.48 -10.42
CA LEU A 348 7.43 -4.48 -11.42
C LEU A 348 8.78 -3.78 -11.16
N LEU A 349 9.03 -3.39 -9.90
CA LEU A 349 10.30 -2.77 -9.55
C LEU A 349 11.50 -3.69 -9.84
N GLN A 350 11.35 -5.00 -9.62
CA GLN A 350 12.37 -5.99 -9.98
C GLN A 350 12.58 -6.02 -11.49
N GLU A 351 11.49 -6.11 -12.25
CA GLU A 351 11.58 -6.06 -13.72
C GLU A 351 12.34 -4.82 -14.21
N LYS A 352 12.06 -3.67 -13.59
CA LYS A 352 12.66 -2.39 -14.01
C LYS A 352 14.05 -2.15 -13.41
N ARG A 353 14.55 -3.10 -12.62
CA ARG A 353 15.85 -2.99 -11.95
C ARG A 353 15.90 -1.79 -10.99
N LEU A 354 14.80 -1.62 -10.26
CA LEU A 354 14.64 -0.52 -9.33
C LEU A 354 14.65 -1.00 -7.88
N LEU A 355 15.01 -2.26 -7.67
CA LEU A 355 15.13 -2.79 -6.32
C LEU A 355 16.51 -3.39 -6.15
N PRO A 356 17.55 -2.54 -6.21
CA PRO A 356 18.84 -3.08 -5.87
C PRO A 356 18.84 -3.49 -4.41
N ASP A 357 19.54 -4.59 -4.12
CA ASP A 357 19.81 -4.98 -2.74
C ASP A 357 20.63 -3.88 -2.11
N ILE A 358 20.09 -3.23 -1.08
CA ILE A 358 20.83 -2.23 -0.33
C ILE A 358 21.28 -2.89 0.97
N PRO A 359 22.61 -3.09 1.13
CA PRO A 359 23.07 -3.84 2.29
C PRO A 359 22.81 -3.12 3.61
N HIS A 360 22.92 -3.86 4.69
CA HIS A 360 22.88 -3.28 6.01
C HIS A 360 24.01 -2.24 6.20
N VAL A 361 23.74 -1.18 6.95
CA VAL A 361 24.80 -0.22 7.32
C VAL A 361 24.76 0.10 8.82
N VAL A 362 25.89 0.53 9.33
CA VAL A 362 26.02 1.03 10.68
C VAL A 362 27.14 2.05 10.63
N ASP A 363 27.09 3.07 11.46
CA ASP A 363 28.11 4.12 11.39
C ASP A 363 29.43 3.58 11.90
N ASP A 364 29.46 3.15 13.16
CA ASP A 364 30.72 2.75 13.78
C ASP A 364 30.70 1.33 14.27
N VAL A 365 31.84 0.66 14.14
CA VAL A 365 32.09 -0.58 14.86
C VAL A 365 33.30 -0.35 15.80
N VAL A 366 33.05 -0.49 17.10
CA VAL A 366 34.06 -0.32 18.14
C VAL A 366 34.70 -1.67 18.44
N ILE A 367 36.03 -1.70 18.36
CA ILE A 367 36.79 -2.92 18.49
C ILE A 367 37.71 -2.83 19.71
N PRO A 368 37.44 -3.65 20.75
CA PRO A 368 38.39 -3.67 21.85
C PRO A 368 39.65 -4.38 21.36
N PHE A 369 40.83 -3.82 21.66
CA PHE A 369 42.07 -4.45 21.25
C PHE A 369 42.17 -5.85 21.84
N ASP A 370 41.72 -5.99 23.08
CA ASP A 370 41.64 -7.27 23.75
C ASP A 370 40.62 -7.09 24.87
N GLU A 371 40.36 -8.14 25.63
CA GLU A 371 39.29 -8.10 26.64
C GLU A 371 39.58 -7.12 27.78
N SER A 372 40.84 -6.81 28.03
CA SER A 372 41.20 -5.81 29.06
C SER A 372 40.67 -4.43 28.68
N MET A 373 40.53 -4.17 27.38
CA MET A 373 40.03 -2.90 26.87
C MET A 373 38.50 -2.82 26.73
N ARG A 374 37.78 -3.87 27.12
CA ARG A 374 36.34 -3.89 26.89
C ARG A 374 35.62 -2.76 27.65
N PRO A 375 35.95 -2.54 28.95
CA PRO A 375 35.28 -1.46 29.69
C PRO A 375 35.48 -0.09 29.03
N HIS A 376 36.70 0.18 28.60
CA HIS A 376 37.01 1.42 27.89
C HIS A 376 36.22 1.52 26.58
N ALA A 377 36.19 0.43 25.81
CA ALA A 377 35.43 0.41 24.54
C ALA A 377 33.93 0.62 24.71
N LEU A 378 33.40 0.18 25.85
CA LEU A 378 32.00 0.40 26.19
C LEU A 378 31.75 1.88 26.46
N ALA A 379 32.69 2.54 27.13
CA ALA A 379 32.59 3.97 27.36
C ALA A 379 32.61 4.74 26.04
N VAL A 380 33.42 4.30 25.09
CA VAL A 380 33.45 4.88 23.76
C VAL A 380 32.15 4.60 22.98
N LEU A 381 31.64 3.37 23.11
CA LEU A 381 30.38 3.00 22.47
C LEU A 381 29.26 3.92 22.93
N ARG A 382 29.17 4.14 24.25
CA ARG A 382 28.20 5.08 24.83
C ARG A 382 28.28 6.48 24.21
N ARG A 383 29.49 7.04 24.12
CA ARG A 383 29.70 8.38 23.54
C ARG A 383 29.15 8.49 22.13
N LEU A 384 29.51 7.52 21.30
CA LEU A 384 29.09 7.51 19.90
C LEU A 384 27.56 7.45 19.78
N ARG A 385 26.93 6.54 20.51
CA ARG A 385 25.47 6.42 20.48
C ARG A 385 24.77 7.65 21.06
N ASP A 386 25.30 8.21 22.14
CA ASP A 386 24.81 9.49 22.69
C ASP A 386 24.76 10.59 21.63
N ALA A 387 25.70 10.56 20.70
CA ALA A 387 25.78 11.56 19.65
C ALA A 387 24.85 11.27 18.46
N GLY A 388 24.12 10.15 18.51
CA GLY A 388 23.14 9.82 17.48
C GLY A 388 23.70 8.92 16.38
N ARG A 389 24.90 8.38 16.58
CA ARG A 389 25.45 7.44 15.64
C ARG A 389 24.93 6.03 15.93
N SER A 390 24.83 5.23 14.87
CA SER A 390 24.55 3.81 15.01
C SER A 390 25.88 3.11 15.18
N ALA A 391 25.99 2.25 16.18
CA ALA A 391 27.26 1.66 16.53
C ALA A 391 27.14 0.30 17.15
N ASP A 392 28.04 -0.58 16.74
CA ASP A 392 28.24 -1.88 17.36
C ASP A 392 29.52 -1.88 18.16
N ILE A 393 29.59 -2.80 19.11
CA ILE A 393 30.86 -3.18 19.71
C ILE A 393 31.02 -4.66 19.45
N ILE A 394 32.25 -5.06 19.16
CA ILE A 394 32.54 -6.47 18.98
C ILE A 394 32.17 -7.17 20.30
N LEU A 395 31.23 -8.13 20.24
CA LEU A 395 30.68 -8.72 21.45
C LEU A 395 31.47 -9.94 21.89
N ASP A 396 31.88 -10.76 20.93
CA ASP A 396 32.67 -11.96 21.22
C ASP A 396 34.17 -11.63 21.31
N LYS A 397 34.97 -12.63 21.62
CA LYS A 397 36.41 -12.48 21.72
C LYS A 397 37.00 -12.76 20.36
N LYS A 398 37.56 -11.75 19.71
CA LYS A 398 38.22 -12.02 18.44
C LYS A 398 39.34 -11.04 18.11
N LYS A 399 40.22 -11.48 17.22
CA LYS A 399 41.40 -10.70 16.87
C LYS A 399 40.98 -9.51 16.03
N VAL A 400 41.84 -8.50 16.02
CA VAL A 400 41.52 -7.23 15.38
C VAL A 400 41.16 -7.38 13.90
N VAL A 401 41.93 -8.20 13.17
CA VAL A 401 41.67 -8.36 11.73
C VAL A 401 40.31 -8.99 11.46
N GLN A 402 39.92 -9.97 12.29
CA GLN A 402 38.60 -10.60 12.15
C GLN A 402 37.50 -9.64 12.59
N ALA A 403 37.81 -8.80 13.57
CA ALA A 403 36.87 -7.75 13.99
C ALA A 403 36.63 -6.77 12.85
N PHE A 404 37.72 -6.41 12.16
CA PHE A 404 37.64 -5.51 11.01
C PHE A 404 36.85 -6.12 9.86
N ASN A 405 37.09 -7.40 9.60
CA ASN A 405 36.32 -8.10 8.58
C ASN A 405 34.82 -8.04 8.94
N TYR A 406 34.51 -8.32 10.20
CA TYR A 406 33.13 -8.23 10.69
C TYR A 406 32.54 -6.86 10.42
N ALA A 407 33.32 -5.82 10.73
CA ALA A 407 32.89 -4.46 10.48
C ALA A 407 32.54 -4.26 9.02
N ASP A 408 33.40 -4.74 8.11
CA ASP A 408 33.12 -4.62 6.70
C ASP A 408 31.86 -5.39 6.30
N ARG A 409 31.70 -6.60 6.84
CA ARG A 409 30.54 -7.45 6.51
C ARG A 409 29.22 -6.81 6.92
N VAL A 410 29.18 -6.15 8.08
CA VAL A 410 27.95 -5.51 8.52
C VAL A 410 27.77 -4.10 7.95
N GLY A 411 28.70 -3.66 7.10
CA GLY A 411 28.54 -2.41 6.38
C GLY A 411 28.89 -1.18 7.23
N ALA A 412 29.88 -1.32 8.10
CA ALA A 412 30.38 -0.18 8.88
C ALA A 412 31.04 0.88 8.02
N VAL A 413 30.74 2.15 8.32
CA VAL A 413 31.39 3.29 7.69
C VAL A 413 32.76 3.49 8.33
N ARG A 414 32.87 3.17 9.62
CA ARG A 414 34.08 3.47 10.38
C ARG A 414 34.37 2.34 11.38
N ALA A 415 35.63 1.91 11.46
CA ALA A 415 36.07 1.04 12.55
C ALA A 415 36.88 1.84 13.59
N VAL A 416 36.51 1.68 14.86
CA VAL A 416 37.15 2.41 15.97
C VAL A 416 37.86 1.41 16.86
N LEU A 417 39.20 1.39 16.80
CA LEU A 417 39.96 0.43 17.59
C LEU A 417 40.38 1.06 18.91
N VAL A 418 39.96 0.43 20.01
CA VAL A 418 40.27 0.89 21.35
C VAL A 418 41.44 0.08 21.90
N ALA A 419 42.65 0.67 21.82
CA ALA A 419 43.89 -0.03 22.19
C ALA A 419 44.61 0.66 23.35
N PRO A 420 45.41 -0.11 24.11
CA PRO A 420 46.07 0.39 25.33
C PRO A 420 46.89 1.65 25.13
N GLU A 421 47.76 1.68 24.13
CA GLU A 421 48.69 2.81 23.95
C GLU A 421 47.95 4.11 23.65
N GLU A 422 46.95 4.03 22.76
CA GLU A 422 46.17 5.21 22.37
C GLU A 422 45.33 5.71 23.53
N TRP A 423 44.70 4.77 24.24
CA TRP A 423 43.85 5.09 25.38
C TRP A 423 44.58 5.92 26.42
N GLU A 424 45.84 5.61 26.68
CA GLU A 424 46.62 6.37 27.65
C GLU A 424 46.77 7.82 27.20
N ARG A 425 46.83 8.04 25.89
CA ARG A 425 46.92 9.40 25.33
C ARG A 425 45.53 10.05 25.16
N GLY A 426 44.50 9.45 25.73
CA GLY A 426 43.12 9.90 25.56
C GLY A 426 42.62 9.79 24.13
N GLU A 427 43.05 8.76 23.42
CA GLU A 427 42.69 8.59 22.01
C GLU A 427 42.29 7.15 21.71
N VAL A 428 41.69 6.99 20.53
CA VAL A 428 41.42 5.69 19.92
C VAL A 428 42.02 5.74 18.52
N GLN A 429 42.05 4.59 17.84
CA GLN A 429 42.45 4.53 16.44
C GLN A 429 41.20 4.43 15.59
N VAL A 430 41.08 5.34 14.62
CA VAL A 430 39.94 5.32 13.71
C VAL A 430 40.40 5.01 12.29
N LYS A 431 39.56 4.29 11.55
CA LYS A 431 39.84 3.92 10.18
C LYS A 431 38.55 3.87 9.38
N MET A 432 38.54 4.61 8.26
CA MET A 432 37.35 4.70 7.40
C MET A 432 37.31 3.50 6.47
N LEU A 433 36.14 2.89 6.32
CA LEU A 433 36.00 1.69 5.48
C LEU A 433 35.42 1.98 4.10
N ARG A 434 34.82 3.16 3.91
CA ARG A 434 34.20 3.54 2.63
C ARG A 434 34.40 5.03 2.32
N GLY A 447 44.48 4.44 8.71
CA GLY A 447 44.30 4.49 10.16
C GLY A 447 44.85 5.78 10.74
N PHE A 448 44.31 6.20 11.88
CA PHE A 448 44.77 7.43 12.54
C PHE A 448 44.28 7.54 13.98
N ALA A 449 45.14 8.09 14.84
CA ALA A 449 44.80 8.35 16.24
C ALA A 449 43.88 9.57 16.33
N VAL A 450 42.80 9.45 17.09
CA VAL A 450 41.81 10.51 17.20
C VAL A 450 41.45 10.67 18.69
N PRO A 451 41.48 11.91 19.20
CA PRO A 451 41.13 12.10 20.60
C PRO A 451 39.64 11.90 20.85
N LEU A 452 39.30 11.36 22.01
CA LEU A 452 37.93 10.91 22.33
C LEU A 452 36.87 11.94 21.96
N ASP A 453 37.05 13.18 22.39
CA ASP A 453 36.07 14.24 22.11
C ASP A 453 35.82 14.49 20.62
N ARG A 454 36.76 14.12 19.75
CA ARG A 454 36.68 14.45 18.33
C ARG A 454 36.02 13.36 17.48
N LEU A 455 35.67 12.24 18.11
CA LEU A 455 35.01 11.13 17.43
C LEU A 455 33.60 11.45 16.92
N VAL A 456 32.97 12.47 17.53
CA VAL A 456 31.58 12.79 17.24
C VAL A 456 31.46 14.26 16.84
N HIS B . -10.54 -1.99 0.00
CA HIS B . -10.26 -1.84 -1.45
C HIS B . -9.50 -3.03 -1.98
O HIS B . -9.26 -3.16 -3.19
CB HIS B . -9.44 -0.59 -1.72
CG HIS B . -9.99 0.63 -1.07
ND1 HIS B . -11.08 1.31 -1.57
CD2 HIS B . -9.60 1.30 0.03
CE1 HIS B . -11.34 2.34 -0.80
NE2 HIS B . -10.46 2.37 0.18
OXT HIS B . -9.09 -3.86 -1.18
C1 4JH C . -6.38 -10.18 -1.46
C1 4JH C . -3.22 -11.68 -1.65
C2 4JH C . -6.90 -10.06 -0.18
C2 4JH C . -3.65 -11.01 -2.79
C3 4JH C . -6.23 -10.56 0.92
C3 4JH C . -4.81 -10.25 -2.75
C4 4JH C . -5.02 -11.23 0.75
C4 4JH C . -5.56 -10.14 -1.60
C5 4JH C . -4.50 -11.35 -0.52
C5 4JH C . -5.11 -10.81 -0.48
C6 4JH C . -5.16 -10.84 -1.63
C6 4JH C . -3.97 -11.57 -0.48
BR 4JH C . -2.83 -12.20 -0.74
BR 4JH C . -6.08 -10.64 1.14
C 4JH C . -7.17 -9.53 -2.57
C 4JH C . -2.02 -12.50 -1.64
N 4JH C . -6.79 -9.97 -3.90
N 4JH C . -2.04 -13.33 -0.46
C1 GOL D . -2.76 -7.41 -4.59
C1 GOL D . -2.47 -8.35 -5.02
O1 GOL D . -3.96 -8.16 -4.34
O1 GOL D . -3.11 -9.36 -4.24
C2 GOL D . -1.56 -8.29 -4.21
C2 GOL D . -1.49 -7.54 -4.17
O2 GOL D . -1.17 -9.08 -5.32
O2 GOL D . -1.28 -8.19 -2.92
C3 GOL D . -0.37 -7.45 -3.76
C3 GOL D . -0.15 -7.48 -4.87
O3 GOL D . -0.08 -6.46 -4.74
O3 GOL D . 0.33 -6.13 -4.96
S SO4 E . 5.35 -0.28 10.20
O1 SO4 E . 5.23 -1.73 9.91
O2 SO4 E . 5.19 0.49 8.93
O3 SO4 E . 6.67 -0.01 10.77
O4 SO4 E . 4.30 0.07 11.16
S SO4 F . 6.98 11.62 -15.38
O1 SO4 F . 7.14 10.16 -15.30
O2 SO4 F . 6.29 11.97 -16.64
O3 SO4 F . 8.34 12.20 -15.32
O4 SO4 F . 6.13 12.16 -14.28
C1 EDO G . -15.36 -15.58 21.79
O1 EDO G . -14.46 -16.57 22.26
C2 EDO G . -15.57 -14.54 22.87
O2 EDO G . -15.16 -15.09 24.14
S DMS H . -22.26 -4.97 6.01
O DMS H . -22.29 -6.40 6.37
C1 DMS H . -21.78 -4.87 4.40
C2 DMS H . -23.84 -4.35 5.90
S DMS I . 8.88 11.85 -6.36
O DMS I . 9.54 12.33 -7.60
C1 DMS I . 9.75 12.39 -5.00
C2 DMS I . 7.40 12.67 -6.20
#